data_6JOE
#
_entry.id   6JOE
#
_cell.length_a   85.505
_cell.length_b   85.505
_cell.length_c   147.539
_cell.angle_alpha   90.00
_cell.angle_beta   90.00
_cell.angle_gamma   120.00
#
_symmetry.space_group_name_H-M   'P 32 2 1'
#
loop_
_entity.id
_entity.type
_entity.pdbx_description
1 polymer 'tRNA (guanine-N(1)-)-methyltransferase'
2 non-polymer ~{N}-[[4-[(4-azanylpiperidin-1-yl)methyl]phenyl]methyl]-4-oxidanylidene-3~{H}-thieno[2,3-d]pyrimidine-5-carboxamide
3 non-polymer 'PHOSPHATE ION'
4 non-polymer S-ADENOSYLMETHIONINE
5 water water
#
_entity_poly.entity_id   1
_entity_poly.type   'polypeptide(L)'
_entity_poly.pdbx_seq_one_letter_code
;MHHHHHHSSGVDLGTENLYFQSMLWVGVVSIFPEMFRAISDYGITSRAVKQGLLTLTCWNPRVYTEDRHQTVDDRPFGGG
PGMVMKIKPLEGALADARQAAGGRKAKVIYLSPQGRQLTQAGVRELAEEEALILIAGRYEGIDERFIEEHVDEEWSIGDY
VLSGGELPAMVLVDAVTRLLPGALGHADSAEEDSFTDGLLDCPHYTRPEVYADKRVPEVLLSGNHEHIRRWRLQQALGRT
WERRADLLDSRSLSGEEQKLLAEYIRQRD
;
_entity_poly.pdbx_strand_id   A,B
#
# COMPACT_ATOMS: atom_id res chain seq x y z
N SER A 22 4.78 12.30 -23.04
CA SER A 22 3.93 11.73 -21.99
C SER A 22 3.51 12.77 -20.94
N MET A 23 2.27 12.62 -20.43
CA MET A 23 1.70 13.47 -19.39
C MET A 23 2.48 13.37 -18.08
N LEU A 24 2.90 12.14 -17.71
CA LEU A 24 3.65 11.90 -16.49
C LEU A 24 4.82 10.97 -16.75
N TRP A 25 6.01 11.40 -16.34
CA TRP A 25 7.25 10.66 -16.47
C TRP A 25 7.59 10.15 -15.08
N VAL A 26 7.80 8.83 -14.94
CA VAL A 26 8.16 8.22 -13.65
C VAL A 26 9.46 7.43 -13.81
N GLY A 27 10.44 7.76 -12.96
CA GLY A 27 11.67 7.05 -12.85
C GLY A 27 11.70 6.38 -11.49
N VAL A 28 11.97 5.07 -11.43
CA VAL A 28 12.06 4.35 -10.15
C VAL A 28 13.52 3.88 -9.90
N VAL A 29 14.05 4.13 -8.69
CA VAL A 29 15.37 3.71 -8.24
C VAL A 29 15.15 2.55 -7.34
N SER A 30 15.56 1.36 -7.78
CA SER A 30 15.31 0.10 -7.06
C SER A 30 16.32 -0.94 -7.45
N ILE A 31 16.69 -1.82 -6.52
CA ILE A 31 17.60 -2.92 -6.83
C ILE A 31 16.84 -4.07 -7.55
N PHE A 32 15.48 -4.00 -7.64
CA PHE A 32 14.67 -5.01 -8.34
C PHE A 32 13.83 -4.36 -9.45
N PRO A 33 14.44 -3.75 -10.49
CA PRO A 33 13.63 -3.10 -11.54
C PRO A 33 12.63 -4.03 -12.24
N GLU A 34 12.98 -5.33 -12.37
CA GLU A 34 12.07 -6.25 -13.08
C GLU A 34 10.84 -6.65 -12.27
N MET A 35 10.73 -6.26 -10.99
CA MET A 35 9.52 -6.46 -10.15
C MET A 35 8.41 -5.56 -10.69
N PHE A 36 8.82 -4.45 -11.35
CA PHE A 36 7.95 -3.42 -11.87
C PHE A 36 7.19 -3.82 -13.13
N ARG A 37 7.38 -5.09 -13.60
CA ARG A 37 6.62 -5.66 -14.71
C ARG A 37 5.16 -5.83 -14.25
N ALA A 38 4.94 -5.94 -12.89
CA ALA A 38 3.62 -6.00 -12.24
C ALA A 38 2.76 -4.80 -12.63
N ILE A 39 3.37 -3.62 -12.87
CA ILE A 39 2.63 -2.43 -13.31
C ILE A 39 2.89 -2.11 -14.78
N SER A 40 4.07 -2.44 -15.33
CA SER A 40 4.29 -2.09 -16.73
C SER A 40 3.52 -2.99 -17.70
N ASP A 41 3.26 -4.26 -17.30
CA ASP A 41 2.58 -5.23 -18.18
C ASP A 41 1.09 -5.50 -17.89
N TYR A 42 0.52 -5.01 -16.76
CA TYR A 42 -0.88 -5.29 -16.42
C TYR A 42 -1.61 -4.08 -15.89
N GLY A 43 -2.92 -4.09 -16.08
CA GLY A 43 -3.87 -3.08 -15.64
C GLY A 43 -3.76 -1.74 -16.33
N ILE A 44 -4.30 -0.70 -15.65
CA ILE A 44 -4.37 0.67 -16.15
C ILE A 44 -3.01 1.28 -16.40
N THR A 45 -1.99 0.93 -15.58
CA THR A 45 -0.62 1.45 -15.74
C THR A 45 -0.05 1.00 -17.08
N SER A 46 -0.28 -0.28 -17.47
CA SER A 46 0.14 -0.85 -18.75
C SER A 46 -0.53 -0.10 -19.92
N ARG A 47 -1.87 0.10 -19.84
CA ARG A 47 -2.66 0.83 -20.84
C ARG A 47 -2.12 2.27 -20.99
N ALA A 48 -1.80 2.94 -19.86
CA ALA A 48 -1.28 4.32 -19.86
C ALA A 48 0.11 4.38 -20.50
N VAL A 49 0.94 3.33 -20.31
CA VAL A 49 2.26 3.24 -20.93
C VAL A 49 2.10 3.05 -22.46
N LYS A 50 1.15 2.19 -22.88
CA LYS A 50 0.80 1.91 -24.29
C LYS A 50 0.22 3.18 -24.96
N GLN A 51 -0.77 3.84 -24.33
CA GLN A 51 -1.39 5.09 -24.81
C GLN A 51 -0.44 6.28 -24.78
N GLY A 52 0.76 6.09 -24.23
CA GLY A 52 1.75 7.15 -24.09
C GLY A 52 1.47 8.23 -23.05
N LEU A 53 0.47 8.02 -22.15
CA LEU A 53 0.12 8.97 -21.07
C LEU A 53 1.15 8.90 -19.93
N LEU A 54 1.76 7.72 -19.73
CA LEU A 54 2.77 7.46 -18.70
C LEU A 54 4.06 6.92 -19.33
N THR A 55 5.21 7.41 -18.84
CA THR A 55 6.53 6.90 -19.17
C THR A 55 7.05 6.31 -17.86
N LEU A 56 7.40 5.02 -17.88
CA LEU A 56 7.90 4.31 -16.74
C LEU A 56 9.29 3.76 -17.04
N THR A 57 10.31 4.15 -16.22
CA THR A 57 11.71 3.76 -16.31
C THR A 57 12.23 3.37 -14.95
N CYS A 58 13.21 2.45 -14.92
CA CYS A 58 13.85 1.93 -13.74
C CYS A 58 15.33 2.18 -13.77
N TRP A 59 15.97 2.28 -12.57
CA TRP A 59 17.39 2.64 -12.42
C TRP A 59 17.95 1.85 -11.27
N ASN A 60 18.65 0.75 -11.58
CA ASN A 60 19.21 -0.14 -10.56
C ASN A 60 20.46 0.47 -9.94
N PRO A 61 20.48 0.74 -8.61
CA PRO A 61 21.70 1.31 -7.99
C PRO A 61 22.93 0.39 -8.05
N ARG A 62 22.74 -0.92 -8.21
CA ARG A 62 23.87 -1.85 -8.21
C ARG A 62 24.84 -1.63 -9.38
N VAL A 63 24.37 -0.94 -10.45
CA VAL A 63 25.20 -0.64 -11.61
C VAL A 63 25.87 0.74 -11.48
N TYR A 64 25.79 1.36 -10.27
CA TYR A 64 26.41 2.66 -10.02
C TYR A 64 27.37 2.58 -8.85
N THR A 65 27.76 1.38 -8.46
CA THR A 65 28.73 1.22 -7.39
C THR A 65 30.12 1.72 -7.87
N GLU A 66 31.02 2.02 -6.92
CA GLU A 66 32.38 2.51 -7.19
C GLU A 66 33.05 1.51 -8.16
N ASP A 67 32.98 0.22 -7.81
CA ASP A 67 33.48 -0.86 -8.66
C ASP A 67 32.52 -2.04 -8.58
N ARG A 68 32.60 -2.93 -9.59
CA ARG A 68 31.76 -4.10 -9.75
C ARG A 68 31.89 -5.11 -8.60
N HIS A 69 32.85 -4.91 -7.69
CA HIS A 69 33.09 -5.81 -6.55
C HIS A 69 32.47 -5.22 -5.26
N GLN A 70 31.76 -4.10 -5.38
CA GLN A 70 31.07 -3.47 -4.24
C GLN A 70 29.60 -3.83 -4.28
N THR A 71 29.01 -4.00 -3.10
CA THR A 71 27.57 -4.24 -3.00
C THR A 71 26.93 -2.86 -2.83
N VAL A 72 25.58 -2.76 -2.91
CA VAL A 72 24.92 -1.47 -2.72
C VAL A 72 24.90 -1.08 -1.25
N ASP A 73 24.96 -2.09 -0.39
CA ASP A 73 24.88 -1.92 1.04
C ASP A 73 26.18 -2.21 1.77
N ASP A 74 26.38 -1.50 2.88
CA ASP A 74 27.51 -1.72 3.75
C ASP A 74 26.98 -1.78 5.17
N ARG A 75 27.78 -2.27 6.11
CA ARG A 75 27.38 -2.42 7.51
C ARG A 75 27.08 -1.06 8.17
N PRO A 76 26.14 -0.99 9.15
CA PRO A 76 25.81 0.29 9.76
C PRO A 76 26.85 0.76 10.78
N PHE A 77 27.17 2.07 10.75
CA PHE A 77 28.09 2.68 11.73
C PHE A 77 27.40 2.62 13.09
N GLY A 78 28.09 2.07 14.08
CA GLY A 78 27.56 1.91 15.43
C GLY A 78 26.98 0.53 15.71
N GLY A 79 27.16 -0.38 14.76
CA GLY A 79 26.70 -1.77 14.86
C GLY A 79 25.19 -1.96 14.73
N GLY A 80 24.71 -3.07 15.29
CA GLY A 80 23.30 -3.44 15.26
C GLY A 80 22.97 -4.37 14.11
N PRO A 81 21.73 -4.92 14.06
CA PRO A 81 21.39 -5.84 12.95
C PRO A 81 21.21 -5.15 11.60
N GLY A 82 21.33 -5.95 10.54
CA GLY A 82 21.16 -5.53 9.15
C GLY A 82 22.26 -4.73 8.49
N MET A 83 21.96 -4.22 7.29
CA MET A 83 22.86 -3.46 6.41
C MET A 83 22.20 -2.15 6.02
N VAL A 84 22.96 -1.20 5.45
CA VAL A 84 22.44 0.12 5.07
C VAL A 84 22.86 0.40 3.63
N MET A 85 21.94 0.86 2.77
CA MET A 85 22.26 1.22 1.39
C MET A 85 23.18 2.44 1.37
N LYS A 86 24.34 2.31 0.71
CA LYS A 86 25.33 3.38 0.56
C LYS A 86 24.80 4.56 -0.27
N ILE A 87 25.35 5.77 -0.03
CA ILE A 87 24.97 7.01 -0.73
C ILE A 87 25.42 7.01 -2.18
N LYS A 88 26.69 6.66 -2.44
CA LYS A 88 27.29 6.69 -3.78
C LYS A 88 26.42 5.98 -4.88
N PRO A 89 26.01 4.69 -4.77
CA PRO A 89 25.16 4.10 -5.83
C PRO A 89 23.83 4.83 -6.01
N LEU A 90 23.21 5.22 -4.88
CA LEU A 90 21.94 5.96 -4.97
C LEU A 90 22.09 7.28 -5.70
N GLU A 91 23.20 7.97 -5.46
CA GLU A 91 23.54 9.26 -6.10
C GLU A 91 23.77 9.10 -7.63
N GLY A 92 24.42 8.03 -8.06
CA GLY A 92 24.63 7.77 -9.48
C GLY A 92 23.32 7.46 -10.21
N ALA A 93 22.51 6.59 -9.60
CA ALA A 93 21.21 6.23 -10.17
C ALA A 93 20.32 7.47 -10.28
N LEU A 94 20.35 8.32 -9.21
CA LEU A 94 19.56 9.55 -9.17
C LEU A 94 19.97 10.57 -10.22
N ALA A 95 21.29 10.82 -10.37
CA ALA A 95 21.83 11.77 -11.34
C ALA A 95 21.46 11.31 -12.76
N ASP A 96 21.63 9.99 -13.03
CA ASP A 96 21.25 9.40 -14.32
C ASP A 96 19.76 9.56 -14.58
N ALA A 97 18.90 9.27 -13.56
CA ALA A 97 17.45 9.42 -13.77
C ALA A 97 17.09 10.91 -14.01
N ARG A 98 17.75 11.83 -13.25
CA ARG A 98 17.52 13.28 -13.42
C ARG A 98 17.82 13.75 -14.84
N GLN A 99 18.90 13.24 -15.45
CA GLN A 99 19.31 13.53 -16.82
C GLN A 99 18.24 13.03 -17.81
N ALA A 100 17.78 11.76 -17.69
CA ALA A 100 16.74 11.21 -18.58
C ALA A 100 15.39 11.94 -18.50
N ALA A 101 15.09 12.59 -17.35
CA ALA A 101 13.85 13.36 -17.15
C ALA A 101 13.86 14.64 -18.02
N GLY A 102 15.06 15.10 -18.37
CA GLY A 102 15.31 16.25 -19.23
C GLY A 102 14.94 17.59 -18.67
N GLY A 103 14.04 18.29 -19.37
CA GLY A 103 13.56 19.61 -18.98
C GLY A 103 12.33 19.62 -18.09
N ARG A 104 11.93 18.43 -17.61
CA ARG A 104 10.79 18.29 -16.70
C ARG A 104 11.25 18.56 -15.28
N LYS A 105 10.41 19.27 -14.50
CA LYS A 105 10.69 19.53 -13.08
C LYS A 105 10.38 18.21 -12.36
N ALA A 106 11.41 17.46 -11.96
CA ALA A 106 11.21 16.16 -11.33
C ALA A 106 11.24 16.19 -9.81
N LYS A 107 10.17 15.70 -9.18
CA LYS A 107 10.09 15.64 -7.72
C LYS A 107 10.67 14.30 -7.26
N VAL A 108 11.60 14.35 -6.31
CA VAL A 108 12.28 13.18 -5.76
C VAL A 108 11.55 12.69 -4.52
N ILE A 109 11.01 11.46 -4.60
CA ILE A 109 10.27 10.83 -3.53
C ILE A 109 10.95 9.62 -2.99
N TYR A 110 11.14 9.56 -1.68
CA TYR A 110 11.67 8.35 -1.04
C TYR A 110 10.46 7.67 -0.41
N LEU A 111 10.25 6.39 -0.74
CA LEU A 111 9.15 5.66 -0.14
C LEU A 111 9.69 5.19 1.21
N SER A 112 9.02 5.53 2.31
CA SER A 112 9.55 5.16 3.63
C SER A 112 8.45 5.05 4.67
N PRO A 113 8.54 4.14 5.68
CA PRO A 113 7.50 4.10 6.73
C PRO A 113 7.56 5.33 7.66
N GLN A 114 8.61 6.18 7.54
CA GLN A 114 8.81 7.43 8.29
C GLN A 114 8.22 8.62 7.54
N GLY A 115 7.74 8.41 6.33
CA GLY A 115 7.20 9.49 5.52
C GLY A 115 5.79 9.90 5.87
N ARG A 116 5.30 10.89 5.14
CA ARG A 116 3.94 11.39 5.26
C ARG A 116 3.00 10.28 4.74
N GLN A 117 1.92 9.97 5.48
CA GLN A 117 0.97 8.95 5.06
C GLN A 117 0.26 9.33 3.78
N LEU A 118 0.32 8.43 2.78
CA LEU A 118 -0.37 8.67 1.53
C LEU A 118 -1.89 8.66 1.74
N THR A 119 -2.57 9.62 1.07
CA THR A 119 -4.03 9.72 1.09
C THR A 119 -4.41 10.14 -0.32
N GLN A 120 -5.72 10.06 -0.68
CA GLN A 120 -6.24 10.46 -1.99
C GLN A 120 -5.93 11.92 -2.31
N ALA A 121 -5.87 12.76 -1.27
CA ALA A 121 -5.51 14.18 -1.38
C ALA A 121 -4.05 14.29 -1.87
N GLY A 122 -3.16 13.53 -1.24
CA GLY A 122 -1.75 13.45 -1.62
C GLY A 122 -1.56 12.93 -3.04
N VAL A 123 -2.35 11.92 -3.45
CA VAL A 123 -2.32 11.33 -4.80
C VAL A 123 -2.66 12.42 -5.83
N ARG A 124 -3.71 13.24 -5.57
CA ARG A 124 -4.11 14.37 -6.42
C ARG A 124 -2.99 15.37 -6.61
N GLU A 125 -2.25 15.70 -5.54
CA GLU A 125 -1.11 16.61 -5.55
C GLU A 125 0.01 16.02 -6.41
N LEU A 126 0.34 14.72 -6.18
CA LEU A 126 1.39 14.03 -6.93
C LEU A 126 1.05 13.94 -8.42
N ALA A 127 -0.25 13.74 -8.76
CA ALA A 127 -0.76 13.67 -10.14
C ALA A 127 -0.55 14.98 -10.95
N GLU A 128 -0.35 16.12 -10.25
CA GLU A 128 -0.11 17.44 -10.86
C GLU A 128 1.35 17.63 -11.29
N GLU A 129 2.27 16.77 -10.81
CA GLU A 129 3.69 16.80 -11.18
C GLU A 129 3.85 16.25 -12.60
N GLU A 130 4.89 16.72 -13.31
CA GLU A 130 5.17 16.29 -14.68
C GLU A 130 6.20 15.15 -14.70
N ALA A 131 7.01 15.04 -13.64
CA ALA A 131 7.97 13.97 -13.47
C ALA A 131 8.18 13.63 -12.01
N LEU A 132 8.32 12.31 -11.73
CA LEU A 132 8.58 11.80 -10.38
C LEU A 132 9.72 10.83 -10.43
N ILE A 133 10.59 10.92 -9.45
CA ILE A 133 11.71 10.00 -9.30
C ILE A 133 11.50 9.36 -7.96
N LEU A 134 11.18 8.06 -7.95
CA LEU A 134 10.86 7.31 -6.75
C LEU A 134 12.04 6.50 -6.27
N ILE A 135 12.29 6.55 -4.96
CA ILE A 135 13.39 5.85 -4.38
C ILE A 135 12.85 4.78 -3.47
N ALA A 136 13.17 3.52 -3.81
CA ALA A 136 12.74 2.37 -3.04
C ALA A 136 13.96 1.66 -2.44
N GLY A 137 13.96 1.53 -1.13
CA GLY A 137 15.05 0.87 -0.45
C GLY A 137 14.55 -0.44 0.08
N ARG A 138 15.42 -1.17 0.74
CA ARG A 138 15.02 -2.45 1.28
C ARG A 138 14.78 -2.33 2.80
N TYR A 139 14.60 -3.44 3.51
CA TYR A 139 14.23 -3.42 4.92
C TYR A 139 15.19 -2.68 5.88
N GLU A 140 16.48 -2.49 5.52
CA GLU A 140 17.40 -1.89 6.49
C GLU A 140 17.66 -0.37 6.34
N GLY A 141 17.17 0.24 5.29
CA GLY A 141 17.21 1.69 5.11
C GLY A 141 18.39 2.22 4.35
N ILE A 142 18.35 3.53 4.08
CA ILE A 142 19.38 4.20 3.32
C ILE A 142 20.11 5.21 4.21
N ASP A 143 21.28 5.68 3.77
CA ASP A 143 22.12 6.64 4.49
C ASP A 143 21.42 7.98 4.54
N GLU A 144 21.21 8.48 5.79
CA GLU A 144 20.53 9.77 6.08
C GLU A 144 21.02 10.92 5.27
N ARG A 145 22.34 10.95 4.95
CA ARG A 145 22.93 12.04 4.16
C ARG A 145 22.39 12.11 2.75
N PHE A 146 22.01 10.93 2.17
CA PHE A 146 21.42 10.91 0.82
C PHE A 146 20.05 11.59 0.91
N ILE A 147 19.27 11.22 1.94
CA ILE A 147 17.91 11.75 2.18
C ILE A 147 17.95 13.27 2.37
N GLU A 148 18.79 13.75 3.33
CA GLU A 148 18.96 15.19 3.65
C GLU A 148 19.27 16.00 2.40
N GLU A 149 20.20 15.50 1.60
CA GLU A 149 20.64 16.19 0.40
C GLU A 149 19.68 16.17 -0.76
N HIS A 150 19.16 14.96 -1.12
CA HIS A 150 18.41 14.84 -2.38
C HIS A 150 16.92 14.61 -2.33
N VAL A 151 16.42 14.02 -1.26
CA VAL A 151 15.00 13.67 -1.19
C VAL A 151 14.11 14.90 -0.94
N ASP A 152 13.18 15.19 -1.88
CA ASP A 152 12.20 16.28 -1.78
C ASP A 152 11.04 15.94 -0.85
N GLU A 153 10.52 14.70 -0.90
CA GLU A 153 9.40 14.27 -0.07
C GLU A 153 9.52 12.82 0.29
N GLU A 154 9.14 12.47 1.52
CA GLU A 154 9.11 11.10 1.99
C GLU A 154 7.63 10.73 2.16
N TRP A 155 7.23 9.56 1.65
CA TRP A 155 5.85 9.11 1.72
C TRP A 155 5.77 7.69 2.17
N SER A 156 4.82 7.43 3.06
CA SER A 156 4.48 6.11 3.58
C SER A 156 3.15 5.68 3.01
N ILE A 157 2.95 4.37 2.79
CA ILE A 157 1.64 3.95 2.30
C ILE A 157 0.73 3.52 3.45
N GLY A 158 1.26 3.44 4.69
CA GLY A 158 0.46 3.04 5.85
C GLY A 158 1.27 2.58 7.03
N ASP A 159 0.62 2.43 8.19
CA ASP A 159 1.30 2.06 9.44
C ASP A 159 1.52 0.58 9.61
N TYR A 160 2.31 0.01 8.72
CA TYR A 160 2.65 -1.41 8.76
C TYR A 160 4.04 -1.52 8.17
N VAL A 161 4.76 -2.58 8.51
CA VAL A 161 6.16 -2.74 8.07
C VAL A 161 6.29 -3.71 6.89
N LEU A 162 6.90 -3.23 5.81
CA LEU A 162 7.16 -3.99 4.59
C LEU A 162 8.67 -4.25 4.45
N SER A 163 9.03 -5.20 3.57
N SER A 163 9.01 -5.19 3.55
CA SER A 163 10.40 -5.60 3.31
CA SER A 163 10.35 -5.63 3.22
C SER A 163 11.16 -4.68 2.37
C SER A 163 11.15 -4.67 2.36
N GLY A 164 10.47 -3.71 1.74
CA GLY A 164 11.07 -2.77 0.83
C GLY A 164 10.09 -1.77 0.29
N GLY A 165 10.58 -0.80 -0.47
CA GLY A 165 9.73 0.24 -1.04
C GLY A 165 9.18 -0.01 -2.44
N GLU A 166 9.42 -1.22 -3.01
CA GLU A 166 8.92 -1.53 -4.38
C GLU A 166 7.40 -1.59 -4.48
N LEU A 167 6.74 -2.35 -3.60
CA LEU A 167 5.25 -2.45 -3.58
C LEU A 167 4.66 -1.06 -3.28
N PRO A 168 5.20 -0.31 -2.28
CA PRO A 168 4.76 1.09 -2.08
C PRO A 168 4.92 1.97 -3.30
N ALA A 169 6.05 1.87 -4.04
CA ALA A 169 6.27 2.70 -5.23
C ALA A 169 5.24 2.36 -6.30
N MET A 170 4.90 1.07 -6.43
CA MET A 170 3.88 0.61 -7.40
C MET A 170 2.48 1.10 -7.02
N VAL A 171 2.15 1.07 -5.70
CA VAL A 171 0.87 1.53 -5.14
C VAL A 171 0.73 3.02 -5.52
N LEU A 172 1.81 3.80 -5.34
CA LEU A 172 1.85 5.22 -5.67
C LEU A 172 1.63 5.46 -7.20
N VAL A 173 2.39 4.75 -8.05
CA VAL A 173 2.21 4.88 -9.52
C VAL A 173 0.78 4.50 -9.93
N ASP A 174 0.25 3.39 -9.41
CA ASP A 174 -1.10 2.99 -9.76
C ASP A 174 -2.14 4.06 -9.38
N ALA A 175 -2.08 4.57 -8.13
CA ALA A 175 -3.03 5.59 -7.60
C ALA A 175 -2.98 6.87 -8.46
N VAL A 176 -1.78 7.34 -8.79
CA VAL A 176 -1.57 8.54 -9.59
C VAL A 176 -2.04 8.33 -11.05
N THR A 177 -1.70 7.17 -11.66
CA THR A 177 -2.08 6.87 -13.04
C THR A 177 -3.60 6.94 -13.23
N ARG A 178 -4.38 6.44 -12.26
CA ARG A 178 -5.85 6.47 -12.28
C ARG A 178 -6.40 7.87 -12.57
N LEU A 179 -5.68 8.92 -12.12
CA LEU A 179 -6.08 10.32 -12.23
C LEU A 179 -5.65 10.97 -13.54
N LEU A 180 -4.91 10.24 -14.38
CA LEU A 180 -4.44 10.79 -15.66
C LEU A 180 -5.56 10.79 -16.69
N PRO A 181 -5.79 11.94 -17.36
CA PRO A 181 -6.88 12.01 -18.35
C PRO A 181 -6.74 11.04 -19.52
N GLY A 182 -7.68 10.09 -19.57
CA GLY A 182 -7.72 9.05 -20.59
C GLY A 182 -7.34 7.66 -20.12
N ALA A 183 -6.95 7.52 -18.84
CA ALA A 183 -6.53 6.25 -18.25
C ALA A 183 -7.71 5.34 -17.89
N LEU A 184 -8.76 5.90 -17.26
CA LEU A 184 -9.94 5.14 -16.85
C LEU A 184 -10.90 4.95 -18.02
N GLU A 191 -13.21 10.30 -10.03
CA GLU A 191 -13.98 11.54 -9.98
C GLU A 191 -15.10 11.48 -8.94
N GLU A 192 -15.57 10.27 -8.59
CA GLU A 192 -16.61 9.99 -7.60
C GLU A 192 -16.46 8.55 -7.04
N ASP A 193 -15.54 8.39 -6.07
CA ASP A 193 -15.24 7.13 -5.38
C ASP A 193 -14.92 7.37 -3.89
N SER A 194 -14.34 6.37 -3.18
CA SER A 194 -14.02 6.51 -1.75
C SER A 194 -12.93 7.56 -1.49
N PHE A 195 -13.03 8.29 -0.35
CA PHE A 195 -12.10 9.36 0.09
C PHE A 195 -12.04 10.58 -0.83
N THR A 196 -12.79 10.58 -1.94
CA THR A 196 -12.85 11.69 -2.89
C THR A 196 -13.48 12.91 -2.21
N ASP A 197 -14.69 12.73 -1.66
CA ASP A 197 -15.49 13.74 -0.96
C ASP A 197 -15.48 13.46 0.55
N GLY A 198 -14.53 12.63 1.00
CA GLY A 198 -14.40 12.25 2.40
C GLY A 198 -15.39 11.18 2.84
N LEU A 199 -15.96 10.43 1.88
CA LEU A 199 -16.91 9.37 2.18
C LEU A 199 -16.47 8.07 1.56
N LEU A 200 -16.86 6.93 2.19
CA LEU A 200 -16.67 5.60 1.61
C LEU A 200 -17.71 5.47 0.51
N ASP A 201 -17.55 4.49 -0.37
CA ASP A 201 -18.47 4.32 -1.49
C ASP A 201 -19.72 3.53 -1.10
N CYS A 202 -20.76 3.59 -1.95
CA CYS A 202 -22.00 2.84 -1.76
C CYS A 202 -21.77 1.37 -2.24
N PRO A 203 -22.61 0.38 -1.86
CA PRO A 203 -22.44 -0.97 -2.41
C PRO A 203 -22.79 -0.99 -3.91
N HIS A 204 -22.24 -1.98 -4.64
CA HIS A 204 -22.49 -2.11 -6.07
C HIS A 204 -23.14 -3.44 -6.31
N TYR A 205 -23.96 -3.49 -7.36
CA TYR A 205 -24.72 -4.69 -7.69
C TYR A 205 -24.72 -4.88 -9.19
N THR A 206 -24.72 -6.13 -9.61
CA THR A 206 -24.81 -6.47 -11.03
C THR A 206 -25.67 -7.74 -11.21
N ARG A 207 -25.82 -8.19 -12.46
CA ARG A 207 -26.63 -9.35 -12.85
C ARG A 207 -26.21 -10.61 -12.17
N PRO A 208 -27.16 -11.48 -11.74
CA PRO A 208 -28.63 -11.39 -11.94
C PRO A 208 -29.34 -10.57 -10.87
N GLU A 209 -30.64 -10.20 -11.11
CA GLU A 209 -31.48 -9.46 -10.15
C GLU A 209 -31.62 -10.20 -8.81
N VAL A 210 -31.60 -11.53 -8.82
CA VAL A 210 -31.71 -12.37 -7.62
C VAL A 210 -30.61 -13.43 -7.73
N TYR A 211 -29.79 -13.58 -6.69
CA TYR A 211 -28.73 -14.57 -6.66
C TYR A 211 -28.71 -15.23 -5.29
N ALA A 212 -28.91 -16.57 -5.27
CA ALA A 212 -28.91 -17.43 -4.07
C ALA A 212 -29.61 -16.79 -2.83
N ASP A 213 -30.95 -16.64 -2.91
CA ASP A 213 -31.83 -16.08 -1.86
C ASP A 213 -31.61 -14.57 -1.57
N LYS A 214 -30.70 -13.89 -2.31
CA LYS A 214 -30.39 -12.47 -2.12
C LYS A 214 -30.80 -11.66 -3.35
N ARG A 215 -31.59 -10.61 -3.14
CA ARG A 215 -32.12 -9.75 -4.22
C ARG A 215 -31.53 -8.34 -4.20
N VAL A 216 -31.34 -7.76 -5.39
CA VAL A 216 -30.82 -6.41 -5.61
C VAL A 216 -31.83 -5.37 -5.07
N PRO A 217 -31.38 -4.36 -4.26
CA PRO A 217 -32.30 -3.31 -3.80
C PRO A 217 -33.18 -2.76 -4.92
N GLU A 218 -34.51 -2.70 -4.65
CA GLU A 218 -35.55 -2.27 -5.58
C GLU A 218 -35.29 -0.92 -6.23
N VAL A 219 -34.81 0.07 -5.45
CA VAL A 219 -34.50 1.41 -5.96
C VAL A 219 -33.53 1.36 -7.16
N LEU A 220 -32.66 0.33 -7.21
CA LEU A 220 -31.69 0.18 -8.30
C LEU A 220 -32.33 -0.44 -9.56
N LEU A 221 -33.47 -1.13 -9.39
CA LEU A 221 -34.19 -1.74 -10.50
C LEU A 221 -35.32 -0.87 -11.03
N SER A 222 -36.04 -0.19 -10.13
CA SER A 222 -37.25 0.58 -10.47
C SER A 222 -37.26 2.07 -10.15
N GLY A 223 -36.17 2.58 -9.61
CA GLY A 223 -36.11 3.98 -9.20
C GLY A 223 -35.64 4.93 -10.25
N ASN A 224 -35.93 6.22 -10.06
CA ASN A 224 -35.46 7.24 -10.98
C ASN A 224 -34.05 7.64 -10.56
N HIS A 225 -33.44 8.60 -11.25
CA HIS A 225 -32.08 9.05 -11.00
C HIS A 225 -31.91 9.77 -9.65
N GLU A 226 -32.96 10.47 -9.17
CA GLU A 226 -32.89 11.16 -7.89
C GLU A 226 -33.05 10.17 -6.72
N HIS A 227 -33.87 9.11 -6.90
CA HIS A 227 -34.12 8.06 -5.92
C HIS A 227 -32.84 7.26 -5.70
N ILE A 228 -32.14 6.94 -6.81
CA ILE A 228 -30.88 6.20 -6.85
C ILE A 228 -29.77 7.04 -6.20
N ARG A 229 -29.67 8.34 -6.56
CA ARG A 229 -28.72 9.30 -5.98
C ARG A 229 -28.85 9.42 -4.45
N ARG A 230 -30.10 9.59 -3.92
CA ARG A 230 -30.31 9.69 -2.46
C ARG A 230 -29.96 8.38 -1.75
N TRP A 231 -30.36 7.23 -2.33
CA TRP A 231 -30.08 5.92 -1.75
C TRP A 231 -28.54 5.66 -1.69
N ARG A 232 -27.83 5.91 -2.81
CA ARG A 232 -26.38 5.75 -2.91
C ARG A 232 -25.66 6.65 -1.91
N LEU A 233 -26.05 7.95 -1.82
CA LEU A 233 -25.49 8.91 -0.85
C LEU A 233 -25.75 8.44 0.59
N GLN A 234 -26.98 7.97 0.87
CA GLN A 234 -27.37 7.46 2.20
C GLN A 234 -26.51 6.23 2.58
N GLN A 235 -26.37 5.27 1.66
CA GLN A 235 -25.54 4.06 1.86
C GLN A 235 -24.08 4.46 2.11
N ALA A 236 -23.55 5.43 1.31
CA ALA A 236 -22.19 5.97 1.46
C ALA A 236 -22.02 6.60 2.84
N LEU A 237 -23.01 7.40 3.29
CA LEU A 237 -22.95 8.03 4.61
C LEU A 237 -23.01 7.00 5.72
N GLY A 238 -23.94 6.04 5.63
CA GLY A 238 -24.10 5.00 6.64
C GLY A 238 -22.88 4.12 6.79
N ARG A 239 -22.31 3.66 5.65
CA ARG A 239 -21.09 2.87 5.64
C ARG A 239 -19.88 3.63 6.21
N THR A 240 -19.78 4.96 5.93
CA THR A 240 -18.70 5.79 6.51
C THR A 240 -18.91 5.91 8.03
N TRP A 241 -20.16 6.14 8.47
CA TRP A 241 -20.48 6.25 9.89
C TRP A 241 -20.15 4.95 10.61
N GLU A 242 -20.47 3.78 10.01
CA GLU A 242 -20.21 2.49 10.63
C GLU A 242 -18.75 2.17 10.82
N ARG A 243 -17.95 2.30 9.74
CA ARG A 243 -16.55 1.89 9.69
C ARG A 243 -15.51 2.98 9.85
N ARG A 244 -15.78 4.19 9.36
CA ARG A 244 -14.81 5.29 9.35
C ARG A 244 -15.42 6.63 9.78
N ALA A 245 -15.91 6.70 11.02
CA ALA A 245 -16.51 7.92 11.58
C ALA A 245 -15.49 9.10 11.60
N ASP A 246 -14.18 8.80 11.70
CA ASP A 246 -13.10 9.79 11.61
C ASP A 246 -13.23 10.62 10.34
N LEU A 247 -13.65 9.99 9.22
CA LEU A 247 -13.83 10.71 7.96
C LEU A 247 -14.95 11.71 8.05
N LEU A 248 -16.01 11.38 8.84
CA LEU A 248 -17.15 12.27 9.03
C LEU A 248 -16.78 13.48 9.88
N ASP A 249 -15.92 13.31 10.90
CA ASP A 249 -15.44 14.39 11.77
C ASP A 249 -14.74 15.48 10.93
N SER A 250 -13.85 15.07 10.01
CA SER A 250 -13.10 15.95 9.12
C SER A 250 -14.06 16.66 8.16
N ARG A 251 -14.80 15.87 7.37
CA ARG A 251 -15.76 16.35 6.40
C ARG A 251 -17.07 16.40 7.14
N SER A 252 -17.52 17.59 7.54
CA SER A 252 -18.78 17.75 8.28
C SER A 252 -19.99 17.23 7.47
N LEU A 253 -21.20 17.32 8.03
CA LEU A 253 -22.39 16.88 7.31
C LEU A 253 -23.39 17.99 7.19
N SER A 254 -23.95 18.15 5.98
CA SER A 254 -25.02 19.11 5.73
C SER A 254 -26.34 18.61 6.39
N GLY A 255 -27.37 19.44 6.35
CA GLY A 255 -28.68 19.17 6.91
C GLY A 255 -29.30 17.94 6.27
N GLU A 256 -29.34 17.89 4.91
CA GLU A 256 -29.87 16.76 4.11
C GLU A 256 -29.10 15.46 4.45
N GLU A 257 -27.76 15.54 4.54
CA GLU A 257 -26.90 14.39 4.83
C GLU A 257 -27.09 13.89 6.26
N GLN A 258 -27.38 14.81 7.20
CA GLN A 258 -27.61 14.42 8.58
C GLN A 258 -28.92 13.65 8.67
N LYS A 259 -29.93 14.06 7.91
CA LYS A 259 -31.25 13.43 7.86
C LYS A 259 -31.16 12.03 7.22
N LEU A 260 -30.45 11.92 6.08
CA LEU A 260 -30.22 10.65 5.40
C LEU A 260 -29.47 9.65 6.29
N LEU A 261 -28.45 10.12 7.04
CA LEU A 261 -27.65 9.34 7.97
C LEU A 261 -28.49 8.90 9.20
N ALA A 262 -29.23 9.84 9.84
CA ALA A 262 -30.13 9.57 10.98
C ALA A 262 -31.09 8.45 10.58
N GLU A 263 -31.66 8.57 9.39
CA GLU A 263 -32.55 7.57 8.81
C GLU A 263 -31.81 6.21 8.59
N TYR A 264 -30.59 6.21 8.02
CA TYR A 264 -29.82 4.98 7.84
C TYR A 264 -29.60 4.29 9.22
N ILE A 265 -29.16 5.05 10.22
CA ILE A 265 -28.90 4.54 11.56
C ILE A 265 -30.14 3.86 12.18
N ARG A 266 -31.29 4.52 12.13
CA ARG A 266 -32.52 3.96 12.74
C ARG A 266 -33.15 2.80 11.98
N GLN A 267 -32.83 2.68 10.70
CA GLN A 267 -33.38 1.62 9.84
C GLN A 267 -32.38 0.48 9.56
N ARG A 268 -31.09 0.56 10.06
CA ARG A 268 -30.02 -0.40 9.75
C ARG A 268 -30.37 -1.85 10.17
N ASP A 269 -31.07 -2.05 11.31
CA ASP A 269 -31.51 -3.37 11.80
C ASP A 269 -32.56 -3.24 12.87
N GLN B 21 3.37 -29.48 6.74
CA GLN B 21 3.36 -28.61 5.56
C GLN B 21 3.68 -27.14 5.90
N SER B 22 3.23 -26.18 5.06
CA SER B 22 3.52 -24.75 5.23
C SER B 22 2.83 -24.09 6.42
N MET B 23 3.53 -23.14 7.07
CA MET B 23 3.03 -22.37 8.21
C MET B 23 1.82 -21.53 7.83
N LEU B 24 1.84 -20.91 6.64
CA LEU B 24 0.75 -20.09 6.15
C LEU B 24 0.46 -20.40 4.71
N TRP B 25 -0.82 -20.68 4.41
CA TRP B 25 -1.32 -20.97 3.08
C TRP B 25 -2.09 -19.74 2.61
N VAL B 26 -1.74 -19.20 1.43
CA VAL B 26 -2.41 -18.05 0.87
C VAL B 26 -2.91 -18.36 -0.54
N GLY B 27 -4.21 -18.16 -0.74
CA GLY B 27 -4.85 -18.29 -2.03
C GLY B 27 -5.32 -16.92 -2.45
N VAL B 28 -4.99 -16.47 -3.67
CA VAL B 28 -5.39 -15.16 -4.18
C VAL B 28 -6.34 -15.34 -5.37
N VAL B 29 -7.49 -14.65 -5.33
CA VAL B 29 -8.48 -14.60 -6.40
C VAL B 29 -8.26 -13.28 -7.13
N SER B 30 -7.77 -13.36 -8.39
CA SER B 30 -7.39 -12.22 -9.18
C SER B 30 -7.42 -12.52 -10.67
N ILE B 31 -7.79 -11.53 -11.48
CA ILE B 31 -7.77 -11.69 -12.93
C ILE B 31 -6.33 -11.53 -13.49
N PHE B 32 -5.34 -11.11 -12.65
CA PHE B 32 -3.95 -10.96 -13.07
C PHE B 32 -3.02 -11.81 -12.19
N PRO B 33 -3.11 -13.17 -12.21
CA PRO B 33 -2.22 -13.97 -11.34
C PRO B 33 -0.73 -13.69 -11.56
N GLU B 34 -0.33 -13.21 -12.77
CA GLU B 34 1.08 -12.95 -13.15
C GLU B 34 1.70 -11.74 -12.40
N MET B 35 0.83 -10.85 -11.93
CA MET B 35 1.28 -9.68 -11.20
C MET B 35 1.95 -10.14 -9.91
N PHE B 36 1.54 -11.32 -9.42
CA PHE B 36 2.00 -11.90 -8.16
C PHE B 36 3.41 -12.49 -8.21
N ARG B 37 4.08 -12.37 -9.38
CA ARG B 37 5.50 -12.75 -9.52
C ARG B 37 6.34 -11.76 -8.69
N ALA B 38 5.80 -10.53 -8.45
CA ALA B 38 6.42 -9.49 -7.62
C ALA B 38 6.67 -10.02 -6.20
N ILE B 39 5.83 -10.96 -5.73
CA ILE B 39 6.06 -11.55 -4.40
C ILE B 39 6.53 -12.99 -4.48
N SER B 40 6.17 -13.73 -5.55
CA SER B 40 6.63 -15.13 -5.60
C SER B 40 8.12 -15.23 -5.96
N ASP B 41 8.66 -14.27 -6.73
CA ASP B 41 10.05 -14.29 -7.17
C ASP B 41 11.04 -13.38 -6.40
N TYR B 42 10.53 -12.46 -5.50
CA TYR B 42 11.37 -11.48 -4.79
C TYR B 42 11.25 -11.51 -3.28
N GLY B 43 12.32 -11.12 -2.61
CA GLY B 43 12.41 -10.91 -1.17
C GLY B 43 12.03 -12.07 -0.30
N ILE B 44 11.59 -11.74 0.93
CA ILE B 44 11.16 -12.59 2.04
C ILE B 44 10.01 -13.54 1.65
N THR B 45 9.11 -13.10 0.74
CA THR B 45 7.97 -13.91 0.30
C THR B 45 8.44 -15.07 -0.58
N SER B 46 9.41 -14.80 -1.49
CA SER B 46 10.05 -15.80 -2.36
C SER B 46 10.80 -16.84 -1.48
N ARG B 47 11.59 -16.34 -0.51
CA ARG B 47 12.36 -17.08 0.48
C ARG B 47 11.41 -17.98 1.26
N ALA B 48 10.29 -17.44 1.80
CA ALA B 48 9.31 -18.25 2.57
C ALA B 48 8.66 -19.35 1.73
N VAL B 49 8.43 -19.11 0.44
CA VAL B 49 7.87 -20.09 -0.50
C VAL B 49 8.90 -21.21 -0.72
N LYS B 50 10.19 -20.83 -0.97
CA LYS B 50 11.33 -21.76 -1.14
C LYS B 50 11.54 -22.58 0.14
N GLN B 51 11.64 -21.93 1.31
CA GLN B 51 11.82 -22.56 2.62
C GLN B 51 10.59 -23.36 3.07
N GLY B 52 9.51 -23.30 2.29
CA GLY B 52 8.26 -23.96 2.60
C GLY B 52 7.43 -23.39 3.73
N LEU B 53 7.78 -22.17 4.23
CA LEU B 53 7.02 -21.47 5.30
C LEU B 53 5.71 -20.88 4.75
N LEU B 54 5.67 -20.60 3.45
CA LEU B 54 4.49 -20.00 2.84
C LEU B 54 4.13 -20.72 1.54
N THR B 55 2.84 -20.97 1.35
CA THR B 55 2.34 -21.53 0.09
C THR B 55 1.51 -20.44 -0.55
N LEU B 56 1.81 -20.10 -1.78
CA LEU B 56 1.15 -19.06 -2.52
C LEU B 56 0.54 -19.63 -3.79
N THR B 57 -0.79 -19.47 -3.94
CA THR B 57 -1.56 -19.93 -5.09
C THR B 57 -2.49 -18.83 -5.57
N CYS B 58 -2.75 -18.82 -6.88
CA CYS B 58 -3.62 -17.87 -7.56
C CYS B 58 -4.77 -18.58 -8.23
N TRP B 59 -5.91 -17.89 -8.39
CA TRP B 59 -7.16 -18.45 -8.93
C TRP B 59 -7.83 -17.39 -9.78
N ASN B 60 -7.64 -17.48 -11.10
CA ASN B 60 -8.18 -16.50 -12.03
C ASN B 60 -9.68 -16.69 -12.22
N PRO B 61 -10.55 -15.69 -11.89
CA PRO B 61 -12.01 -15.83 -12.12
C PRO B 61 -12.36 -15.97 -13.60
N ARG B 62 -11.44 -15.57 -14.51
CA ARG B 62 -11.59 -15.62 -15.98
C ARG B 62 -11.71 -17.03 -16.54
N VAL B 63 -11.46 -18.06 -15.72
CA VAL B 63 -11.58 -19.47 -16.11
C VAL B 63 -12.78 -20.14 -15.41
N TYR B 64 -13.64 -19.35 -14.73
CA TYR B 64 -14.83 -19.85 -14.05
C TYR B 64 -16.09 -19.18 -14.62
N THR B 65 -15.98 -18.78 -15.91
CA THR B 65 -17.02 -18.20 -16.77
C THR B 65 -17.24 -19.12 -18.00
N GLU B 66 -18.39 -18.98 -18.69
CA GLU B 66 -18.73 -19.81 -19.86
C GLU B 66 -18.90 -19.01 -21.17
N ASP B 67 -17.82 -18.35 -21.65
CA ASP B 67 -17.81 -17.56 -22.88
C ASP B 67 -16.43 -17.52 -23.56
N ARG B 68 -16.44 -17.32 -24.90
CA ARG B 68 -15.27 -17.30 -25.78
C ARG B 68 -14.21 -16.24 -25.46
N HIS B 69 -14.62 -14.98 -25.16
CA HIS B 69 -13.66 -13.92 -24.87
C HIS B 69 -13.31 -13.76 -23.37
N GLN B 70 -13.95 -14.58 -22.50
CA GLN B 70 -13.77 -14.63 -21.04
C GLN B 70 -14.04 -13.27 -20.35
N THR B 71 -15.30 -13.09 -19.89
CA THR B 71 -15.80 -11.88 -19.20
C THR B 71 -16.11 -12.19 -17.73
N VAL B 72 -15.81 -11.23 -16.83
CA VAL B 72 -16.00 -11.36 -15.38
C VAL B 72 -16.93 -10.28 -14.83
N ASP B 73 -17.00 -9.17 -15.55
CA ASP B 73 -17.80 -8.01 -15.18
C ASP B 73 -19.04 -7.78 -16.04
N ASP B 74 -20.07 -7.21 -15.41
CA ASP B 74 -21.30 -6.82 -16.07
C ASP B 74 -21.64 -5.41 -15.60
N ARG B 75 -22.55 -4.73 -16.30
CA ARG B 75 -22.93 -3.35 -16.00
C ARG B 75 -23.60 -3.23 -14.61
N PRO B 76 -23.44 -2.08 -13.91
CA PRO B 76 -24.04 -1.96 -12.57
C PRO B 76 -25.55 -1.68 -12.59
N PHE B 77 -26.30 -2.36 -11.70
CA PHE B 77 -27.74 -2.09 -11.56
C PHE B 77 -27.89 -0.68 -10.97
N GLY B 78 -28.71 0.13 -11.61
CA GLY B 78 -28.93 1.51 -11.21
C GLY B 78 -28.15 2.50 -12.02
N GLY B 79 -27.42 2.01 -13.03
CA GLY B 79 -26.61 2.82 -13.93
C GLY B 79 -25.33 3.34 -13.33
N GLY B 80 -24.83 4.42 -13.93
CA GLY B 80 -23.61 5.08 -13.53
C GLY B 80 -22.37 4.59 -14.28
N PRO B 81 -21.20 5.23 -14.08
CA PRO B 81 -20.01 4.79 -14.81
C PRO B 81 -19.43 3.47 -14.29
N GLY B 82 -18.60 2.84 -15.12
CA GLY B 82 -17.91 1.61 -14.79
C GLY B 82 -18.69 0.31 -14.88
N MET B 83 -18.04 -0.78 -14.48
CA MET B 83 -18.54 -2.15 -14.51
C MET B 83 -18.36 -2.77 -13.13
N VAL B 84 -19.02 -3.90 -12.87
CA VAL B 84 -18.98 -4.55 -11.57
C VAL B 84 -18.65 -6.04 -11.78
N MET B 85 -17.75 -6.61 -11.00
CA MET B 85 -17.42 -8.02 -11.09
C MET B 85 -18.65 -8.86 -10.62
N LYS B 86 -19.06 -9.80 -11.50
CA LYS B 86 -20.20 -10.70 -11.26
C LYS B 86 -19.94 -11.67 -10.11
N ILE B 87 -21.02 -12.23 -9.55
CA ILE B 87 -20.97 -13.17 -8.46
C ILE B 87 -20.41 -14.53 -8.90
N LYS B 88 -20.97 -15.11 -10.01
CA LYS B 88 -20.65 -16.44 -10.52
C LYS B 88 -19.13 -16.68 -10.76
N PRO B 89 -18.42 -15.89 -11.61
CA PRO B 89 -16.96 -16.12 -11.77
C PRO B 89 -16.14 -16.06 -10.47
N LEU B 90 -16.51 -15.18 -9.49
CA LEU B 90 -15.85 -15.07 -8.17
C LEU B 90 -16.13 -16.25 -7.28
N GLU B 91 -17.40 -16.72 -7.29
CA GLU B 91 -17.86 -17.89 -6.52
C GLU B 91 -17.14 -19.18 -6.99
N GLY B 92 -16.90 -19.26 -8.30
CA GLY B 92 -16.14 -20.33 -8.93
C GLY B 92 -14.74 -20.40 -8.37
N ALA B 93 -13.93 -19.36 -8.66
CA ALA B 93 -12.55 -19.23 -8.15
C ALA B 93 -12.45 -19.40 -6.61
N LEU B 94 -13.43 -18.87 -5.82
CA LEU B 94 -13.45 -19.02 -4.35
C LEU B 94 -13.62 -20.46 -3.89
N ALA B 95 -14.59 -21.18 -4.49
CA ALA B 95 -14.89 -22.57 -4.13
C ALA B 95 -13.67 -23.44 -4.41
N ASP B 96 -13.06 -23.27 -5.59
CA ASP B 96 -11.84 -23.98 -5.97
C ASP B 96 -10.71 -23.72 -4.99
N ALA B 97 -10.50 -22.43 -4.61
CA ALA B 97 -9.48 -22.02 -3.64
C ALA B 97 -9.76 -22.63 -2.28
N ARG B 98 -11.03 -22.66 -1.85
CA ARG B 98 -11.42 -23.25 -0.56
C ARG B 98 -11.14 -24.76 -0.48
N GLN B 99 -11.34 -25.49 -1.61
CA GLN B 99 -11.06 -26.91 -1.72
C GLN B 99 -9.55 -27.17 -1.56
N ALA B 100 -8.70 -26.43 -2.30
CA ALA B 100 -7.23 -26.56 -2.20
C ALA B 100 -6.66 -26.26 -0.82
N ALA B 101 -7.35 -25.43 0.00
CA ALA B 101 -6.94 -25.08 1.37
C ALA B 101 -7.06 -26.28 2.31
N GLY B 102 -7.95 -27.20 1.95
CA GLY B 102 -8.20 -28.45 2.65
C GLY B 102 -8.82 -28.33 4.02
N GLY B 103 -8.11 -28.87 5.02
CA GLY B 103 -8.54 -28.88 6.40
C GLY B 103 -8.10 -27.68 7.23
N ARG B 104 -7.55 -26.66 6.56
CA ARG B 104 -7.12 -25.42 7.20
C ARG B 104 -8.32 -24.51 7.36
N LYS B 105 -8.43 -23.82 8.50
CA LYS B 105 -9.49 -22.82 8.74
C LYS B 105 -9.05 -21.58 7.93
N ALA B 106 -9.68 -21.35 6.76
CA ALA B 106 -9.29 -20.25 5.88
C ALA B 106 -10.13 -19.01 6.09
N LYS B 107 -9.47 -17.88 6.37
CA LYS B 107 -10.15 -16.60 6.53
C LYS B 107 -10.25 -15.91 5.17
N VAL B 108 -11.46 -15.54 4.77
CA VAL B 108 -11.69 -14.90 3.48
C VAL B 108 -11.64 -13.39 3.66
N ILE B 109 -10.66 -12.76 3.00
CA ILE B 109 -10.46 -11.33 3.06
C ILE B 109 -10.69 -10.71 1.72
N TYR B 110 -11.45 -9.64 1.66
CA TYR B 110 -11.65 -8.86 0.45
C TYR B 110 -10.81 -7.60 0.67
N LEU B 111 -9.92 -7.31 -0.29
CA LEU B 111 -9.11 -6.10 -0.21
C LEU B 111 -9.99 -5.00 -0.72
N SER B 112 -10.22 -3.95 0.08
CA SER B 112 -11.13 -2.89 -0.36
C SER B 112 -10.81 -1.56 0.31
N PRO B 113 -11.03 -0.39 -0.34
CA PRO B 113 -10.80 0.89 0.36
C PRO B 113 -11.84 1.16 1.46
N GLN B 114 -12.93 0.35 1.53
CA GLN B 114 -14.00 0.43 2.52
C GLN B 114 -13.68 -0.45 3.74
N GLY B 115 -12.60 -1.20 3.66
CA GLY B 115 -12.26 -2.12 4.73
C GLY B 115 -11.59 -1.45 5.91
N ARG B 116 -11.30 -2.24 6.91
CA ARG B 116 -10.60 -1.80 8.09
C ARG B 116 -9.14 -1.47 7.67
N GLN B 117 -8.61 -0.30 8.09
CA GLN B 117 -7.25 0.10 7.75
C GLN B 117 -6.23 -0.84 8.32
N LEU B 118 -5.37 -1.37 7.45
CA LEU B 118 -4.30 -2.25 7.91
C LEU B 118 -3.30 -1.46 8.77
N THR B 119 -2.88 -2.07 9.87
CA THR B 119 -1.85 -1.52 10.77
C THR B 119 -1.04 -2.73 11.22
N GLN B 120 0.13 -2.50 11.85
CA GLN B 120 0.99 -3.56 12.34
C GLN B 120 0.30 -4.48 13.33
N ALA B 121 -0.66 -3.94 14.09
CA ALA B 121 -1.50 -4.70 15.03
C ALA B 121 -2.35 -5.69 14.24
N GLY B 122 -3.01 -5.22 13.17
CA GLY B 122 -3.81 -6.05 12.27
C GLY B 122 -2.98 -7.13 11.58
N VAL B 123 -1.77 -6.74 11.11
CA VAL B 123 -0.76 -7.66 10.50
C VAL B 123 -0.50 -8.84 11.46
N ARG B 124 -0.21 -8.55 12.75
CA ARG B 124 0.03 -9.57 13.80
C ARG B 124 -1.11 -10.53 13.94
N GLU B 125 -2.36 -10.02 13.89
CA GLU B 125 -3.58 -10.82 13.98
C GLU B 125 -3.70 -11.74 12.78
N LEU B 126 -3.48 -11.19 11.57
CA LEU B 126 -3.55 -11.95 10.32
C LEU B 126 -2.48 -13.04 10.26
N ALA B 127 -1.28 -12.76 10.81
CA ALA B 127 -0.15 -13.69 10.88
C ALA B 127 -0.45 -14.96 11.73
N GLU B 128 -1.45 -14.88 12.63
CA GLU B 128 -1.88 -16.00 13.49
C GLU B 128 -2.81 -16.99 12.75
N GLU B 129 -3.33 -16.61 11.57
CA GLU B 129 -4.18 -17.48 10.74
C GLU B 129 -3.31 -18.54 10.04
N GLU B 130 -3.90 -19.70 9.74
CA GLU B 130 -3.21 -20.81 9.06
C GLU B 130 -3.45 -20.78 7.55
N ALA B 131 -4.55 -20.14 7.12
CA ALA B 131 -4.86 -19.97 5.70
C ALA B 131 -5.64 -18.68 5.46
N LEU B 132 -5.32 -18.01 4.33
CA LEU B 132 -5.98 -16.79 3.91
C LEU B 132 -6.37 -16.89 2.47
N ILE B 133 -7.59 -16.45 2.17
CA ILE B 133 -8.03 -16.34 0.78
C ILE B 133 -8.25 -14.85 0.59
N LEU B 134 -7.49 -14.25 -0.32
CA LEU B 134 -7.54 -12.81 -0.58
C LEU B 134 -8.23 -12.51 -1.88
N ILE B 135 -9.27 -11.65 -1.84
CA ILE B 135 -10.00 -11.32 -3.05
C ILE B 135 -9.62 -9.96 -3.50
N ALA B 136 -9.10 -9.92 -4.73
CA ALA B 136 -8.65 -8.74 -5.43
C ALA B 136 -9.72 -8.36 -6.41
N GLY B 137 -10.34 -7.24 -6.14
CA GLY B 137 -11.36 -6.74 -7.02
C GLY B 137 -10.73 -5.95 -8.12
N ARG B 138 -11.55 -5.65 -9.12
CA ARG B 138 -11.18 -4.84 -10.27
C ARG B 138 -12.41 -4.01 -10.55
N TYR B 139 -12.29 -2.99 -11.44
CA TYR B 139 -13.35 -2.08 -11.89
C TYR B 139 -13.91 -1.25 -10.73
N GLU B 140 -15.23 -0.98 -10.69
CA GLU B 140 -15.90 -0.25 -9.61
C GLU B 140 -16.01 -1.06 -8.31
N GLY B 141 -15.70 -2.34 -8.40
CA GLY B 141 -15.82 -3.26 -7.28
C GLY B 141 -16.55 -4.54 -7.63
N ILE B 142 -16.88 -5.31 -6.57
CA ILE B 142 -17.56 -6.61 -6.63
C ILE B 142 -18.99 -6.52 -6.06
N ASP B 143 -19.90 -7.40 -6.55
CA ASP B 143 -21.32 -7.40 -6.18
C ASP B 143 -21.44 -7.57 -4.68
N GLU B 144 -22.12 -6.62 -3.98
CA GLU B 144 -22.33 -6.66 -2.51
C GLU B 144 -22.81 -7.98 -1.98
N ARG B 145 -23.65 -8.71 -2.75
CA ARG B 145 -24.16 -10.03 -2.30
C ARG B 145 -23.07 -11.08 -2.17
N PHE B 146 -22.00 -11.00 -2.99
CA PHE B 146 -20.85 -11.90 -2.88
C PHE B 146 -20.16 -11.62 -1.54
N ILE B 147 -19.97 -10.32 -1.22
CA ILE B 147 -19.32 -9.86 0.02
C ILE B 147 -20.11 -10.33 1.23
N GLU B 148 -21.42 -10.01 1.30
CA GLU B 148 -22.30 -10.40 2.41
C GLU B 148 -22.27 -11.91 2.67
N GLU B 149 -22.33 -12.69 1.61
CA GLU B 149 -22.31 -14.15 1.71
C GLU B 149 -20.97 -14.77 2.07
N HIS B 150 -19.88 -14.38 1.38
CA HIS B 150 -18.61 -15.08 1.50
C HIS B 150 -17.45 -14.40 2.22
N VAL B 151 -17.41 -13.08 2.22
CA VAL B 151 -16.29 -12.34 2.79
C VAL B 151 -16.36 -12.28 4.32
N ASP B 152 -15.32 -12.80 4.99
CA ASP B 152 -15.17 -12.76 6.46
C ASP B 152 -14.73 -11.39 6.97
N GLU B 153 -13.77 -10.73 6.27
CA GLU B 153 -13.20 -9.44 6.68
C GLU B 153 -12.81 -8.64 5.47
N GLU B 154 -12.99 -7.34 5.56
CA GLU B 154 -12.58 -6.39 4.52
C GLU B 154 -11.42 -5.57 5.10
N TRP B 155 -10.35 -5.41 4.32
CA TRP B 155 -9.15 -4.68 4.73
C TRP B 155 -8.71 -3.73 3.67
N SER B 156 -8.32 -2.53 4.13
CA SER B 156 -7.78 -1.47 3.28
C SER B 156 -6.31 -1.29 3.64
N ILE B 157 -5.48 -0.93 2.67
CA ILE B 157 -4.06 -0.65 2.97
C ILE B 157 -3.85 0.87 3.22
N GLY B 158 -4.87 1.70 3.00
CA GLY B 158 -4.74 3.15 3.21
C GLY B 158 -5.81 3.97 2.55
N ASP B 159 -5.90 5.27 2.89
CA ASP B 159 -6.95 6.16 2.36
C ASP B 159 -6.69 6.70 0.97
N TYR B 160 -6.57 5.80 0.00
CA TYR B 160 -6.31 6.17 -1.40
C TYR B 160 -6.94 5.10 -2.26
N VAL B 161 -7.25 5.44 -3.49
CA VAL B 161 -7.92 4.53 -4.41
C VAL B 161 -6.97 4.00 -5.47
N LEU B 162 -6.90 2.66 -5.56
CA LEU B 162 -6.10 1.97 -6.55
C LEU B 162 -7.00 1.33 -7.60
N SER B 163 -6.44 0.96 -8.77
CA SER B 163 -7.24 0.33 -9.84
C SER B 163 -7.63 -1.13 -9.58
N GLY B 164 -7.03 -1.76 -8.57
CA GLY B 164 -7.31 -3.15 -8.24
C GLY B 164 -6.77 -3.54 -6.89
N GLY B 165 -7.17 -4.70 -6.40
CA GLY B 165 -6.73 -5.25 -5.11
C GLY B 165 -5.45 -6.07 -5.14
N GLU B 166 -4.78 -6.18 -6.30
CA GLU B 166 -3.54 -6.98 -6.42
C GLU B 166 -2.37 -6.43 -5.60
N LEU B 167 -2.05 -5.13 -5.76
CA LEU B 167 -0.96 -4.47 -5.00
C LEU B 167 -1.29 -4.51 -3.50
N PRO B 168 -2.56 -4.19 -3.10
CA PRO B 168 -2.94 -4.38 -1.69
C PRO B 168 -2.78 -5.78 -1.17
N ALA B 169 -3.16 -6.79 -1.96
CA ALA B 169 -3.04 -8.20 -1.52
C ALA B 169 -1.58 -8.56 -1.31
N MET B 170 -0.69 -8.05 -2.20
CA MET B 170 0.75 -8.28 -2.08
C MET B 170 1.37 -7.59 -0.86
N VAL B 171 0.93 -6.36 -0.57
CA VAL B 171 1.37 -5.55 0.58
C VAL B 171 1.03 -6.34 1.85
N LEU B 172 -0.20 -6.88 1.90
CA LEU B 172 -0.67 -7.70 3.01
C LEU B 172 0.19 -8.98 3.19
N VAL B 173 0.39 -9.76 2.11
CA VAL B 173 1.22 -10.97 2.15
C VAL B 173 2.65 -10.61 2.60
N ASP B 174 3.25 -9.57 2.04
CA ASP B 174 4.59 -9.20 2.45
C ASP B 174 4.67 -8.87 3.97
N ALA B 175 3.77 -8.01 4.48
CA ALA B 175 3.74 -7.60 5.89
C ALA B 175 3.59 -8.82 6.82
N VAL B 176 2.66 -9.73 6.49
CA VAL B 176 2.40 -10.94 7.25
C VAL B 176 3.60 -11.92 7.20
N THR B 177 4.17 -12.13 6.00
CA THR B 177 5.30 -13.04 5.81
C THR B 177 6.49 -12.65 6.72
N ARG B 178 6.77 -11.36 6.86
CA ARG B 178 7.83 -10.85 7.74
C ARG B 178 7.76 -11.43 9.17
N LEU B 179 6.54 -11.72 9.64
CA LEU B 179 6.27 -12.21 10.99
C LEU B 179 6.36 -13.73 11.13
N LEU B 180 6.58 -14.43 10.01
CA LEU B 180 6.67 -15.89 10.02
C LEU B 180 8.04 -16.34 10.54
N PRO B 181 8.06 -17.27 11.52
CA PRO B 181 9.35 -17.71 12.10
C PRO B 181 10.29 -18.36 11.08
N GLY B 182 11.41 -17.68 10.85
CA GLY B 182 12.44 -18.11 9.90
C GLY B 182 12.52 -17.32 8.61
N ALA B 183 11.61 -16.34 8.44
CA ALA B 183 11.55 -15.52 7.23
C ALA B 183 12.62 -14.41 7.19
N LEU B 184 12.80 -13.69 8.32
CA LEU B 184 13.78 -12.61 8.42
C LEU B 184 15.20 -13.16 8.62
N ASP B 197 7.43 -1.78 18.35
CA ASP B 197 8.05 -0.68 19.08
C ASP B 197 7.11 0.52 19.27
N GLY B 198 6.35 0.86 18.22
CA GLY B 198 5.46 2.02 18.24
C GLY B 198 6.19 3.35 18.10
N LEU B 199 7.39 3.30 17.49
CA LEU B 199 8.28 4.43 17.22
C LEU B 199 8.82 4.36 15.81
N LEU B 200 9.16 5.53 15.23
CA LEU B 200 9.82 5.58 13.94
C LEU B 200 11.26 5.19 14.21
N ASP B 201 12.02 4.85 13.17
CA ASP B 201 13.39 4.41 13.37
C ASP B 201 14.37 5.58 13.48
N CYS B 202 15.58 5.29 13.97
CA CYS B 202 16.68 6.25 14.07
C CYS B 202 17.31 6.40 12.67
N PRO B 203 18.09 7.47 12.38
CA PRO B 203 18.75 7.52 11.07
C PRO B 203 19.85 6.45 10.97
N HIS B 204 20.21 6.06 9.75
CA HIS B 204 21.24 5.05 9.51
C HIS B 204 22.33 5.65 8.71
N TYR B 205 23.56 5.18 8.97
CA TYR B 205 24.73 5.68 8.30
C TYR B 205 25.66 4.54 7.96
N THR B 206 26.32 4.67 6.81
CA THR B 206 27.27 3.68 6.33
C THR B 206 28.38 4.38 5.60
N ARG B 207 29.35 3.60 5.08
CA ARG B 207 30.56 4.03 4.36
C ARG B 207 30.29 5.04 3.25
N PRO B 208 31.08 6.13 3.14
CA PRO B 208 32.25 6.51 3.96
C PRO B 208 31.90 7.33 5.21
N GLU B 209 32.87 7.47 6.14
CA GLU B 209 32.74 8.26 7.37
C GLU B 209 32.39 9.74 7.08
N VAL B 210 32.90 10.27 5.97
CA VAL B 210 32.64 11.64 5.54
C VAL B 210 32.35 11.59 4.05
N TYR B 211 31.24 12.20 3.61
CA TYR B 211 30.86 12.22 2.20
C TYR B 211 30.40 13.62 1.85
N ALA B 212 31.09 14.29 0.91
CA ALA B 212 30.78 15.63 0.40
C ALA B 212 30.23 16.63 1.46
N ASP B 213 31.12 17.10 2.37
CA ASP B 213 30.83 18.06 3.46
C ASP B 213 29.90 17.51 4.57
N LYS B 214 29.44 16.23 4.47
CA LYS B 214 28.55 15.61 5.45
C LYS B 214 29.25 14.47 6.19
N ARG B 215 29.27 14.51 7.53
CA ARG B 215 29.97 13.55 8.38
C ARG B 215 29.07 12.76 9.30
N VAL B 216 29.43 11.49 9.55
CA VAL B 216 28.70 10.56 10.40
C VAL B 216 28.77 10.94 11.89
N PRO B 217 27.63 11.02 12.64
CA PRO B 217 27.69 11.31 14.08
C PRO B 217 28.74 10.47 14.82
N GLU B 218 29.58 11.16 15.62
CA GLU B 218 30.73 10.69 16.38
C GLU B 218 30.42 9.52 17.34
N VAL B 219 29.23 9.52 17.93
CA VAL B 219 28.79 8.47 18.86
C VAL B 219 28.75 7.10 18.15
N LEU B 220 28.45 7.07 16.85
CA LEU B 220 28.41 5.79 16.14
C LEU B 220 29.82 5.37 15.74
N LEU B 221 30.72 6.36 15.56
CA LEU B 221 32.12 6.15 15.19
C LEU B 221 32.98 5.50 16.30
N SER B 222 32.86 5.96 17.57
CA SER B 222 33.68 5.43 18.66
C SER B 222 32.98 5.31 20.04
N GLY B 223 31.71 5.70 20.15
CA GLY B 223 30.97 5.59 21.41
C GLY B 223 30.79 4.14 21.84
N ASN B 224 30.38 3.94 23.11
CA ASN B 224 30.14 2.60 23.63
C ASN B 224 28.71 2.13 23.31
N HIS B 225 28.42 0.84 23.55
CA HIS B 225 27.12 0.21 23.27
C HIS B 225 25.94 0.95 23.94
N GLU B 226 26.14 1.50 25.15
CA GLU B 226 25.10 2.24 25.86
C GLU B 226 24.94 3.65 25.28
N HIS B 227 26.05 4.27 24.84
CA HIS B 227 26.06 5.60 24.22
C HIS B 227 25.32 5.57 22.89
N ILE B 228 25.57 4.52 22.07
CA ILE B 228 24.92 4.30 20.77
C ILE B 228 23.43 3.95 20.99
N ARG B 229 23.14 3.03 21.94
CA ARG B 229 21.76 2.65 22.24
C ARG B 229 20.94 3.85 22.74
N ARG B 230 21.54 4.75 23.55
CA ARG B 230 20.84 5.93 24.06
C ARG B 230 20.57 6.98 22.98
N TRP B 231 21.57 7.23 22.10
CA TRP B 231 21.50 8.16 20.96
C TRP B 231 20.45 7.71 19.94
N ARG B 232 20.48 6.41 19.55
CA ARG B 232 19.54 5.82 18.60
C ARG B 232 18.11 5.91 19.11
N LEU B 233 17.86 5.53 20.39
CA LEU B 233 16.55 5.61 21.01
C LEU B 233 16.06 7.10 21.07
N GLN B 234 16.96 8.03 21.43
CA GLN B 234 16.66 9.47 21.48
C GLN B 234 16.27 9.99 20.08
N GLN B 235 17.07 9.66 19.05
CA GLN B 235 16.79 10.05 17.66
C GLN B 235 15.42 9.47 17.22
N ALA B 236 15.14 8.18 17.58
CA ALA B 236 13.86 7.51 17.27
C ALA B 236 12.72 8.25 17.92
N LEU B 237 12.87 8.61 19.21
CA LEU B 237 11.84 9.34 19.95
C LEU B 237 11.62 10.72 19.36
N GLY B 238 12.73 11.39 19.06
CA GLY B 238 12.72 12.73 18.48
C GLY B 238 12.00 12.82 17.16
N ARG B 239 12.39 11.93 16.22
CA ARG B 239 11.80 11.79 14.87
C ARG B 239 10.31 11.41 14.94
N THR B 240 9.91 10.55 15.89
CA THR B 240 8.48 10.21 16.08
C THR B 240 7.72 11.44 16.57
N TRP B 241 8.30 12.19 17.52
CA TRP B 241 7.66 13.39 18.04
C TRP B 241 7.49 14.44 16.93
N GLU B 242 8.50 14.61 16.08
CA GLU B 242 8.45 15.59 15.00
C GLU B 242 7.41 15.30 13.94
N ARG B 243 7.39 14.06 13.42
CA ARG B 243 6.53 13.64 12.29
C ARG B 243 5.27 12.90 12.63
N ARG B 244 5.29 12.05 13.68
CA ARG B 244 4.17 11.19 14.05
C ARG B 244 3.87 11.18 15.55
N ALA B 245 3.53 12.36 16.12
CA ALA B 245 3.21 12.51 17.54
C ALA B 245 2.02 11.62 17.96
N ASP B 246 1.08 11.38 17.02
CA ASP B 246 -0.07 10.48 17.22
C ASP B 246 0.42 9.10 17.70
N LEU B 247 1.56 8.60 17.14
CA LEU B 247 2.20 7.35 17.54
C LEU B 247 2.68 7.36 19.00
N LEU B 248 3.04 8.55 19.54
CA LEU B 248 3.47 8.71 20.93
C LEU B 248 2.27 8.71 21.89
N ASP B 249 1.14 9.31 21.47
CA ASP B 249 -0.10 9.37 22.27
C ASP B 249 -0.57 7.95 22.61
N SER B 250 -0.60 7.06 21.59
CA SER B 250 -1.00 5.67 21.72
C SER B 250 -0.02 4.93 22.63
N ARG B 251 1.31 5.10 22.39
CA ARG B 251 2.43 4.50 23.13
C ARG B 251 2.50 4.89 24.62
N SER B 252 3.28 4.11 25.40
CA SER B 252 3.54 4.29 26.82
C SER B 252 5.05 4.56 26.99
N LEU B 253 5.40 5.82 27.30
CA LEU B 253 6.80 6.23 27.44
C LEU B 253 7.34 5.99 28.83
N SER B 254 8.54 5.40 28.91
CA SER B 254 9.22 5.19 30.19
C SER B 254 9.85 6.52 30.66
N GLY B 255 10.22 6.59 31.94
CA GLY B 255 10.90 7.73 32.55
C GLY B 255 12.15 8.11 31.77
N GLU B 256 12.97 7.10 31.40
CA GLU B 256 14.19 7.25 30.59
C GLU B 256 13.85 7.85 29.21
N GLU B 257 12.77 7.36 28.58
CA GLU B 257 12.32 7.82 27.27
C GLU B 257 11.80 9.24 27.31
N GLN B 258 11.18 9.63 28.43
CA GLN B 258 10.66 10.99 28.58
C GLN B 258 11.81 11.97 28.69
N LYS B 259 12.89 11.56 29.36
CA LYS B 259 14.10 12.36 29.51
C LYS B 259 14.84 12.53 28.19
N LEU B 260 14.98 11.45 27.40
CA LEU B 260 15.64 11.47 26.09
C LEU B 260 14.85 12.29 25.07
N LEU B 261 13.49 12.22 25.14
CA LEU B 261 12.64 13.00 24.23
C LEU B 261 12.77 14.48 24.57
N ALA B 262 12.63 14.82 25.89
CA ALA B 262 12.71 16.20 26.41
C ALA B 262 14.03 16.83 25.98
N GLU B 263 15.12 16.07 26.15
CA GLU B 263 16.46 16.49 25.76
C GLU B 263 16.59 16.78 24.25
N TYR B 264 16.06 15.88 23.39
CA TYR B 264 16.07 16.07 21.94
C TYR B 264 15.35 17.37 21.58
N ILE B 265 14.16 17.57 22.16
CA ILE B 265 13.34 18.77 21.88
C ILE B 265 14.06 20.09 22.26
N ARG B 266 14.57 20.20 23.50
N ARG B 266 14.61 20.15 23.50
CA ARG B 266 15.21 21.45 23.98
CA ARG B 266 15.30 21.32 24.09
C ARG B 266 16.63 21.68 23.41
C ARG B 266 16.63 21.65 23.43
N GLN B 267 17.24 20.67 22.74
CA GLN B 267 18.55 20.80 22.12
C GLN B 267 18.51 20.93 20.64
N ARG B 268 17.34 21.21 20.05
CA ARG B 268 17.37 21.43 18.61
C ARG B 268 17.03 22.91 18.32
N ASP B 269 17.59 23.50 17.24
N ASP B 269 17.48 23.48 17.17
CA ASP B 269 17.34 24.90 16.90
CA ASP B 269 17.17 24.87 16.83
C ASP B 269 15.86 25.20 16.67
C ASP B 269 15.66 25.06 16.53
#